data_1HUX
#
_entry.id   1HUX
#
_cell.length_a   82.070
_cell.length_b   51.990
_cell.length_c   74.700
_cell.angle_alpha   90.00
_cell.angle_beta   118.81
_cell.angle_gamma   90.00
#
_symmetry.space_group_name_H-M   'P 1 21 1'
#
loop_
_entity.id
_entity.type
_entity.pdbx_description
1 polymer 'ACTIVATOR OF (R)-2-HYDROXYGLUTARYL-COA DEHYDRATASE'
2 non-polymer 'IRON/SULFUR CLUSTER'
3 non-polymer "ADENOSINE-5'-DIPHOSPHATE"
#
_entity_poly.entity_id   1
_entity_poly.type   'polypeptide(L)'
_entity_poly.pdbx_seq_one_letter_code
;MSIYTLGIDVGSTASKCIILKDGKEIVAKSLVAVGTGTSGPARSISEVLENAHMKKEDMAFTLATGYGRNSLEGIADKQM
SELSCHAMGASFIWPNVHTVIDIGGQDVKVIHVENGTMTNFQMNDKCAAGTGRFLDVMANILEVKVSDLAELGAKSTKRV
AISSTCTVFAESEVISQLSKGTDKIDIIAGIHRSVASRVIGLANRVGIVKDVVMTGGVAQNYGVRGALEEGLGVEIKTSP
LAQYNGALGAALYAYKKAAKSAWSHPQFEK
;
_entity_poly.pdbx_strand_id   A,B
#
# COMPACT_ATOMS: atom_id res chain seq x y z
N SER A 2 -29.95 37.74 2.99
CA SER A 2 -30.22 38.11 4.41
C SER A 2 -29.88 37.04 5.46
N ILE A 3 -29.97 35.75 5.09
CA ILE A 3 -29.59 34.69 6.03
C ILE A 3 -28.25 34.09 5.63
N TYR A 4 -27.26 34.25 6.50
CA TYR A 4 -25.91 33.77 6.24
C TYR A 4 -25.60 32.51 7.01
N THR A 5 -25.02 31.53 6.32
CA THR A 5 -24.66 30.25 6.96
C THR A 5 -23.21 29.88 6.73
N LEU A 6 -22.73 29.02 7.61
CA LEU A 6 -21.35 28.62 7.54
C LEU A 6 -21.17 27.11 7.40
N GLY A 7 -20.49 26.73 6.31
CA GLY A 7 -20.18 25.34 6.04
C GLY A 7 -18.70 25.13 6.33
N ILE A 8 -18.39 24.13 7.14
CA ILE A 8 -17.02 23.83 7.51
C ILE A 8 -16.67 22.37 7.25
N ASP A 9 -15.75 22.16 6.31
CA ASP A 9 -15.28 20.83 5.94
C ASP A 9 -13.87 20.62 6.47
N VAL A 10 -13.74 19.99 7.62
CA VAL A 10 -12.40 19.77 8.17
C VAL A 10 -11.82 18.42 7.77
N GLY A 11 -11.00 18.42 6.73
CA GLY A 11 -10.40 17.17 6.27
C GLY A 11 -9.11 16.80 6.99
N SER A 12 -8.46 15.74 6.52
CA SER A 12 -7.21 15.29 7.14
C SER A 12 -6.01 16.12 6.64
N THR A 13 -6.16 16.70 5.46
CA THR A 13 -5.13 17.51 4.83
C THR A 13 -5.37 19.00 5.03
N ALA A 14 -6.61 19.42 4.84
CA ALA A 14 -6.92 20.82 4.97
C ALA A 14 -8.30 21.02 5.54
N SER A 15 -8.60 22.26 5.88
CA SER A 15 -9.90 22.62 6.42
C SER A 15 -10.43 23.70 5.48
N LYS A 16 -11.57 23.43 4.86
CA LYS A 16 -12.19 24.37 3.93
C LYS A 16 -13.44 24.96 4.58
N CYS A 17 -13.75 26.20 4.21
CA CYS A 17 -14.91 26.90 4.74
C CYS A 17 -15.68 27.62 3.67
N ILE A 18 -17.00 27.63 3.86
CA ILE A 18 -17.89 28.31 2.95
C ILE A 18 -18.97 29.07 3.72
N ILE A 19 -19.32 30.24 3.21
CA ILE A 19 -20.38 31.07 3.78
C ILE A 19 -21.27 31.52 2.64
N LEU A 20 -22.56 31.22 2.74
CA LEU A 20 -23.46 31.67 1.68
C LEU A 20 -24.71 32.39 2.20
N LYS A 21 -25.20 33.29 1.35
CA LYS A 21 -26.36 34.09 1.65
C LYS A 21 -27.64 33.52 1.05
N ASP A 22 -28.57 33.13 1.92
CA ASP A 22 -29.86 32.58 1.52
C ASP A 22 -29.70 31.24 0.84
N GLY A 23 -28.56 30.60 1.08
CA GLY A 23 -28.28 29.31 0.49
C GLY A 23 -28.23 29.35 -1.02
N LYS A 24 -28.10 30.54 -1.59
CA LYS A 24 -28.09 30.69 -3.04
C LYS A 24 -26.79 31.20 -3.64
N GLU A 25 -26.02 31.99 -2.89
CA GLU A 25 -24.77 32.51 -3.42
C GLU A 25 -23.64 32.43 -2.42
N ILE A 26 -22.45 32.10 -2.91
CA ILE A 26 -21.27 32.01 -2.07
C ILE A 26 -20.72 33.40 -1.85
N VAL A 27 -20.54 33.79 -0.59
CA VAL A 27 -20.02 35.12 -0.31
C VAL A 27 -18.53 35.04 -0.03
N ALA A 28 -18.09 33.94 0.57
CA ALA A 28 -16.68 33.80 0.86
C ALA A 28 -16.32 32.36 1.21
N LYS A 29 -15.06 32.01 0.96
CA LYS A 29 -14.55 30.66 1.25
C LYS A 29 -13.14 30.79 1.77
N SER A 30 -12.64 29.72 2.37
CA SER A 30 -11.28 29.74 2.87
C SER A 30 -10.71 28.32 2.92
N LEU A 31 -9.38 28.22 3.01
CA LEU A 31 -8.70 26.93 3.06
C LEU A 31 -7.43 27.05 3.86
N VAL A 32 -7.28 26.20 4.87
CA VAL A 32 -6.12 26.25 5.73
C VAL A 32 -5.54 24.86 5.98
N ALA A 33 -4.23 24.71 5.77
CA ALA A 33 -3.60 23.41 5.96
C ALA A 33 -3.83 22.89 7.36
N VAL A 34 -3.88 21.58 7.48
CA VAL A 34 -4.12 21.01 8.78
C VAL A 34 -2.84 20.40 9.27
N GLY A 35 -2.24 21.06 10.26
CA GLY A 35 -1.01 20.53 10.82
C GLY A 35 -1.27 20.09 12.26
N THR A 36 -0.40 19.25 12.80
CA THR A 36 -0.55 18.80 14.17
C THR A 36 -0.45 20.04 15.05
N GLY A 37 -1.38 20.20 15.99
CA GLY A 37 -1.34 21.36 16.87
C GLY A 37 -1.64 22.69 16.17
N THR A 38 -1.30 22.78 14.89
CA THR A 38 -1.53 23.96 14.07
C THR A 38 -2.91 24.68 14.23
N SER A 39 -3.93 23.99 14.75
CA SER A 39 -5.28 24.57 14.88
C SER A 39 -5.69 25.34 13.61
N GLY A 40 -5.77 24.58 12.51
CA GLY A 40 -6.08 25.10 11.18
C GLY A 40 -7.56 25.14 10.86
N PRO A 41 -8.33 24.23 11.45
CA PRO A 41 -9.77 24.28 11.16
C PRO A 41 -10.28 25.60 11.75
N ALA A 42 -9.84 25.89 12.98
CA ALA A 42 -10.23 27.13 13.64
C ALA A 42 -9.79 28.31 12.78
N ARG A 43 -8.52 28.31 12.38
CA ARG A 43 -8.00 29.37 11.53
C ARG A 43 -8.81 29.65 10.30
N SER A 44 -9.23 28.57 9.64
CA SER A 44 -10.01 28.70 8.41
C SER A 44 -11.33 29.42 8.67
N ILE A 45 -11.91 29.20 9.84
CA ILE A 45 -13.17 29.85 10.18
C ILE A 45 -12.97 31.37 10.25
N SER A 46 -11.88 31.77 10.91
CA SER A 46 -11.53 33.17 11.03
C SER A 46 -11.31 33.71 9.61
N GLU A 47 -10.53 32.97 8.83
CA GLU A 47 -10.23 33.33 7.46
C GLU A 47 -11.50 33.71 6.68
N VAL A 48 -12.52 32.85 6.74
CA VAL A 48 -13.76 33.12 6.00
C VAL A 48 -14.43 34.36 6.53
N LEU A 49 -14.73 34.33 7.82
CA LEU A 49 -15.39 35.44 8.46
C LEU A 49 -14.71 36.75 8.04
N GLU A 50 -13.38 36.76 8.04
CA GLU A 50 -12.65 37.96 7.65
C GLU A 50 -12.91 38.30 6.21
N ASN A 51 -12.64 37.35 5.33
CA ASN A 51 -12.85 37.56 3.90
C ASN A 51 -14.23 38.14 3.65
N ALA A 52 -15.22 37.66 4.41
CA ALA A 52 -16.61 38.08 4.27
C ALA A 52 -16.93 39.38 5.02
N HIS A 53 -16.12 39.71 6.02
CA HIS A 53 -16.32 40.91 6.82
C HIS A 53 -17.49 40.73 7.75
N MET A 54 -17.57 39.58 8.41
CA MET A 54 -18.66 39.32 9.33
C MET A 54 -18.14 38.60 10.54
N LYS A 55 -18.98 38.52 11.57
CA LYS A 55 -18.56 37.82 12.78
C LYS A 55 -19.33 36.51 12.92
N LYS A 56 -18.73 35.58 13.64
CA LYS A 56 -19.34 34.29 13.90
C LYS A 56 -20.80 34.48 14.30
N GLU A 57 -21.07 35.59 15.00
CA GLU A 57 -22.44 35.87 15.47
C GLU A 57 -23.38 36.26 14.35
N ASP A 58 -22.84 36.44 13.14
CA ASP A 58 -23.64 36.80 11.96
C ASP A 58 -24.14 35.56 11.21
N MET A 59 -23.60 34.42 11.57
CA MET A 59 -23.99 33.19 10.94
C MET A 59 -25.27 32.67 11.60
N ALA A 60 -26.28 32.40 10.77
CA ALA A 60 -27.58 31.87 11.22
C ALA A 60 -27.43 30.44 11.75
N PHE A 61 -26.70 29.61 11.01
CA PHE A 61 -26.47 28.24 11.42
C PHE A 61 -25.08 27.82 10.96
N THR A 62 -24.41 27.00 11.75
CA THR A 62 -23.09 26.53 11.39
C THR A 62 -23.10 25.02 11.38
N LEU A 63 -22.61 24.45 10.27
CA LEU A 63 -22.58 23.02 10.11
C LEU A 63 -21.19 22.56 9.72
N ALA A 64 -20.65 21.63 10.50
CA ALA A 64 -19.33 21.10 10.25
C ALA A 64 -19.38 19.66 9.73
N THR A 65 -18.42 19.33 8.87
CA THR A 65 -18.30 18.01 8.27
C THR A 65 -16.83 17.69 8.04
N GLY A 66 -16.54 16.44 7.69
CA GLY A 66 -15.17 16.07 7.42
C GLY A 66 -14.61 15.06 8.39
N TYR A 67 -13.32 14.75 8.25
CA TYR A 67 -12.66 13.79 9.12
C TYR A 67 -12.68 14.20 10.60
N GLY A 68 -12.30 15.45 10.86
CA GLY A 68 -12.29 15.98 12.21
C GLY A 68 -13.46 16.92 12.39
N ARG A 69 -14.60 16.56 11.84
CA ARG A 69 -15.81 17.38 11.94
C ARG A 69 -16.22 17.60 13.40
N ASN A 70 -15.60 16.85 14.32
CA ASN A 70 -15.93 16.98 15.74
C ASN A 70 -14.83 17.65 16.56
N SER A 71 -13.69 17.96 15.92
CA SER A 71 -12.58 18.62 16.60
C SER A 71 -12.99 20.05 16.94
N LEU A 72 -14.08 20.50 16.31
CA LEU A 72 -14.61 21.83 16.54
C LEU A 72 -16.09 21.69 16.83
N GLU A 73 -16.41 20.62 17.55
CA GLU A 73 -17.78 20.32 17.91
C GLU A 73 -18.49 21.56 18.45
N GLY A 74 -17.86 22.23 19.40
CA GLY A 74 -18.45 23.42 19.99
C GLY A 74 -18.71 24.57 19.03
N ILE A 75 -18.05 24.54 17.88
CA ILE A 75 -18.21 25.57 16.88
C ILE A 75 -19.49 25.33 16.10
N ALA A 76 -19.55 24.15 15.49
CA ALA A 76 -20.70 23.75 14.69
C ALA A 76 -21.96 23.58 15.51
N ASP A 77 -23.08 24.04 14.95
CA ASP A 77 -24.36 23.89 15.61
C ASP A 77 -24.68 22.41 15.43
N LYS A 78 -24.26 21.89 14.28
CA LYS A 78 -24.48 20.49 13.93
C LYS A 78 -23.41 20.00 12.96
N GLN A 79 -23.12 18.70 13.01
CA GLN A 79 -22.12 18.07 12.13
C GLN A 79 -22.83 17.11 11.17
N MET A 80 -22.20 16.82 10.04
CA MET A 80 -22.84 15.94 9.07
C MET A 80 -21.86 15.12 8.25
N SER A 81 -22.33 13.95 7.81
CA SER A 81 -21.55 13.04 6.99
C SER A 81 -20.94 13.72 5.76
N GLU A 82 -19.69 13.36 5.47
CA GLU A 82 -19.00 13.94 4.34
C GLU A 82 -19.64 13.51 3.04
N LEU A 83 -20.22 12.32 3.03
CA LEU A 83 -20.90 11.82 1.81
C LEU A 83 -22.07 12.72 1.46
N SER A 84 -22.81 13.10 2.49
CA SER A 84 -24.00 13.94 2.35
C SER A 84 -23.71 15.33 1.79
N CYS A 85 -22.68 15.96 2.35
CA CYS A 85 -22.35 17.30 1.93
C CYS A 85 -21.89 17.30 0.49
N HIS A 86 -21.07 16.32 0.13
CA HIS A 86 -20.56 16.26 -1.24
C HIS A 86 -21.70 16.13 -2.22
N ALA A 87 -22.69 15.33 -1.84
CA ALA A 87 -23.86 15.12 -2.70
C ALA A 87 -24.65 16.43 -2.79
N MET A 88 -24.85 17.06 -1.63
CA MET A 88 -25.57 18.31 -1.57
C MET A 88 -24.84 19.39 -2.37
N GLY A 89 -23.54 19.52 -2.10
CA GLY A 89 -22.71 20.52 -2.78
C GLY A 89 -22.63 20.33 -4.28
N ALA A 90 -22.43 19.07 -4.68
CA ALA A 90 -22.32 18.74 -6.09
C ALA A 90 -23.58 19.26 -6.78
N SER A 91 -24.72 18.96 -6.16
CA SER A 91 -26.02 19.34 -6.69
C SER A 91 -26.19 20.82 -6.86
N PHE A 92 -25.55 21.59 -5.97
CA PHE A 92 -25.61 23.04 -6.05
C PHE A 92 -24.81 23.53 -7.24
N ILE A 93 -23.71 22.84 -7.54
CA ILE A 93 -22.85 23.24 -8.66
C ILE A 93 -23.33 22.64 -9.99
N TRP A 94 -23.69 21.37 -9.96
CA TRP A 94 -24.15 20.68 -11.16
C TRP A 94 -25.48 20.01 -10.84
N PRO A 95 -26.58 20.60 -11.31
CA PRO A 95 -27.94 20.10 -11.09
C PRO A 95 -28.17 18.64 -11.49
N ASN A 96 -27.53 18.22 -12.58
CA ASN A 96 -27.71 16.87 -13.09
C ASN A 96 -26.73 15.81 -12.60
N VAL A 97 -26.01 16.10 -11.53
CA VAL A 97 -25.05 15.14 -11.02
C VAL A 97 -25.82 13.91 -10.60
N HIS A 98 -25.15 12.77 -10.65
CA HIS A 98 -25.75 11.50 -10.25
C HIS A 98 -24.63 10.65 -9.71
N THR A 99 -23.42 11.04 -10.11
CA THR A 99 -22.21 10.34 -9.68
C THR A 99 -21.13 11.36 -9.35
N VAL A 100 -20.60 11.24 -8.14
CA VAL A 100 -19.57 12.15 -7.66
C VAL A 100 -18.29 11.40 -7.27
N ILE A 101 -17.20 11.74 -7.94
CA ILE A 101 -15.92 11.12 -7.63
C ILE A 101 -15.14 12.11 -6.78
N ASP A 102 -14.91 11.77 -5.51
CA ASP A 102 -14.17 12.66 -4.60
C ASP A 102 -12.85 12.09 -4.13
N ILE A 103 -11.76 12.66 -4.65
CA ILE A 103 -10.43 12.20 -4.27
C ILE A 103 -9.77 13.24 -3.38
N GLY A 104 -9.44 12.83 -2.17
CA GLY A 104 -8.78 13.73 -1.25
C GLY A 104 -7.54 13.03 -0.74
N GLY A 105 -6.76 13.68 0.12
CA GLY A 105 -5.59 13.00 0.64
C GLY A 105 -6.12 11.90 1.54
N GLN A 106 -5.38 10.81 1.65
CA GLN A 106 -5.78 9.69 2.51
C GLN A 106 -7.11 8.93 2.28
N ASP A 107 -7.81 9.22 1.18
CA ASP A 107 -9.06 8.49 0.89
C ASP A 107 -9.75 8.88 -0.44
N VAL A 108 -10.52 7.94 -0.98
CA VAL A 108 -11.25 8.16 -2.23
C VAL A 108 -12.65 7.65 -1.98
N LYS A 109 -13.62 8.14 -2.75
CA LYS A 109 -15.01 7.71 -2.60
C LYS A 109 -15.87 8.15 -3.77
N VAL A 110 -16.67 7.24 -4.30
CA VAL A 110 -17.54 7.55 -5.43
C VAL A 110 -18.96 7.52 -4.90
N ILE A 111 -19.69 8.60 -5.17
CA ILE A 111 -21.05 8.72 -4.67
C ILE A 111 -22.14 8.83 -5.74
N HIS A 112 -23.20 8.05 -5.58
CA HIS A 112 -24.31 8.14 -6.51
C HIS A 112 -25.27 9.14 -5.88
N VAL A 113 -25.67 10.14 -6.65
CA VAL A 113 -26.55 11.20 -6.15
C VAL A 113 -27.91 11.30 -6.83
N GLU A 114 -28.94 11.48 -5.99
CA GLU A 114 -30.31 11.63 -6.45
C GLU A 114 -30.96 12.70 -5.57
N ASN A 115 -31.42 13.78 -6.20
CA ASN A 115 -32.06 14.89 -5.47
C ASN A 115 -31.13 15.31 -4.35
N GLY A 116 -29.95 15.80 -4.73
CA GLY A 116 -28.96 16.26 -3.76
C GLY A 116 -28.68 15.32 -2.59
N THR A 117 -29.00 14.04 -2.76
CA THR A 117 -28.78 13.07 -1.69
C THR A 117 -27.89 11.90 -2.12
N MET A 118 -27.26 11.28 -1.13
CA MET A 118 -26.39 10.16 -1.39
C MET A 118 -27.18 8.87 -1.39
N THR A 119 -27.38 8.35 -2.59
CA THR A 119 -28.13 7.12 -2.82
C THR A 119 -27.30 5.92 -2.41
N ASN A 120 -26.13 5.79 -3.04
CA ASN A 120 -25.22 4.70 -2.75
C ASN A 120 -23.81 5.24 -2.90
N PHE A 121 -22.83 4.50 -2.39
CA PHE A 121 -21.44 4.93 -2.47
C PHE A 121 -20.44 3.82 -2.16
N GLN A 122 -19.22 4.02 -2.64
CA GLN A 122 -18.12 3.09 -2.43
C GLN A 122 -16.95 4.00 -2.03
N MET A 123 -16.20 3.62 -1.00
CA MET A 123 -15.08 4.46 -0.59
C MET A 123 -13.87 3.67 -0.11
N ASN A 124 -12.69 4.21 -0.33
CA ASN A 124 -11.45 3.59 0.12
C ASN A 124 -10.88 4.41 1.26
N ASP A 125 -10.65 3.75 2.38
CA ASP A 125 -10.16 4.45 3.54
C ASP A 125 -8.87 3.84 4.09
N LYS A 126 -8.56 2.61 3.65
CA LYS A 126 -7.39 1.89 4.14
C LYS A 126 -6.16 1.87 3.23
N CYS A 127 -6.38 1.80 1.92
CA CYS A 127 -5.27 1.75 0.98
C CYS A 127 -4.89 3.16 0.53
N ALA A 128 -3.60 3.48 0.58
CA ALA A 128 -3.10 4.77 0.15
C ALA A 128 -3.16 4.90 -1.37
N ALA A 129 -3.39 3.79 -2.06
CA ALA A 129 -3.47 3.81 -3.51
C ALA A 129 -4.66 4.63 -3.98
N GLY A 130 -4.48 5.36 -5.08
CA GLY A 130 -5.58 6.15 -5.61
C GLY A 130 -5.88 7.45 -4.87
N THR A 131 -5.27 7.61 -3.71
CA THR A 131 -5.49 8.82 -2.92
C THR A 131 -4.46 9.89 -3.31
N GLY A 132 -4.64 11.10 -2.80
CA GLY A 132 -3.72 12.16 -3.13
C GLY A 132 -2.37 11.88 -2.50
N ARG A 133 -2.39 10.94 -1.55
CA ARG A 133 -1.18 10.55 -0.84
C ARG A 133 -0.30 9.72 -1.78
N PHE A 134 -0.97 9.02 -2.70
CA PHE A 134 -0.28 8.22 -3.70
C PHE A 134 0.53 9.21 -4.52
N LEU A 135 -0.16 10.25 -4.99
CA LEU A 135 0.45 11.31 -5.81
C LEU A 135 1.58 12.04 -5.10
N ASP A 136 1.50 12.14 -3.77
CA ASP A 136 2.55 12.82 -3.03
C ASP A 136 3.81 11.99 -3.09
N VAL A 137 3.70 10.77 -2.61
CA VAL A 137 4.83 9.85 -2.62
C VAL A 137 5.51 9.75 -3.99
N MET A 138 4.75 9.99 -5.06
CA MET A 138 5.32 9.90 -6.39
C MET A 138 5.97 11.21 -6.80
N ALA A 139 5.35 12.31 -6.43
CA ALA A 139 5.87 13.63 -6.77
C ALA A 139 7.20 13.81 -6.06
N ASN A 140 7.32 13.20 -4.89
CA ASN A 140 8.54 13.31 -4.12
C ASN A 140 9.71 12.60 -4.80
N ILE A 141 9.50 11.33 -5.15
CA ILE A 141 10.55 10.59 -5.82
C ILE A 141 10.92 11.27 -7.14
N LEU A 142 9.93 11.72 -7.89
CA LEU A 142 10.17 12.39 -9.16
C LEU A 142 10.80 13.75 -8.91
N GLU A 143 10.75 14.18 -7.65
CA GLU A 143 11.27 15.49 -7.28
C GLU A 143 10.52 16.59 -8.04
N VAL A 144 9.20 16.62 -7.87
CA VAL A 144 8.35 17.61 -8.55
C VAL A 144 7.24 18.06 -7.57
N LYS A 145 6.56 19.14 -7.91
CA LYS A 145 5.48 19.66 -7.07
C LYS A 145 4.14 19.05 -7.46
N VAL A 146 3.47 18.46 -6.48
CA VAL A 146 2.17 17.83 -6.69
C VAL A 146 1.24 18.68 -7.56
N SER A 147 1.38 19.99 -7.52
CA SER A 147 0.54 20.87 -8.32
C SER A 147 1.12 21.13 -9.72
N ASP A 148 2.18 20.41 -10.05
CA ASP A 148 2.82 20.55 -11.35
C ASP A 148 2.58 19.31 -12.20
N LEU A 149 2.38 18.19 -11.51
CA LEU A 149 2.10 16.90 -12.13
C LEU A 149 1.14 17.05 -13.30
N ALA A 150 -0.01 17.67 -13.06
CA ALA A 150 -0.96 17.83 -14.16
C ALA A 150 -0.30 18.44 -15.38
N GLU A 151 0.34 19.59 -15.20
CA GLU A 151 1.00 20.30 -16.29
C GLU A 151 2.08 19.49 -17.00
N LEU A 152 2.85 18.74 -16.22
CA LEU A 152 3.93 17.95 -16.79
C LEU A 152 3.40 16.77 -17.61
N GLY A 153 2.63 15.91 -16.97
CA GLY A 153 2.07 14.75 -17.64
C GLY A 153 1.39 15.06 -18.96
N ALA A 154 0.92 16.29 -19.13
CA ALA A 154 0.23 16.68 -20.35
C ALA A 154 1.16 16.70 -21.55
N LYS A 155 2.47 16.63 -21.28
CA LYS A 155 3.48 16.67 -22.33
C LYS A 155 3.96 15.28 -22.77
N SER A 156 3.51 14.25 -22.06
CA SER A 156 3.91 12.88 -22.36
C SER A 156 3.54 12.48 -23.78
N THR A 157 4.44 11.70 -24.40
CA THR A 157 4.25 11.23 -25.76
C THR A 157 4.25 9.70 -25.79
N LYS A 158 4.77 9.09 -24.74
CA LYS A 158 4.85 7.65 -24.65
C LYS A 158 4.06 7.09 -23.46
N ARG A 159 3.36 5.99 -23.67
CA ARG A 159 2.60 5.39 -22.59
C ARG A 159 3.51 4.54 -21.75
N VAL A 160 3.55 4.84 -20.45
CA VAL A 160 4.38 4.08 -19.55
C VAL A 160 3.46 3.59 -18.47
N ALA A 161 3.30 2.28 -18.36
CA ALA A 161 2.40 1.75 -17.35
C ALA A 161 3.09 1.43 -16.02
N ILE A 162 2.32 1.54 -14.95
CA ILE A 162 2.82 1.22 -13.63
C ILE A 162 1.97 0.00 -13.29
N SER A 163 2.52 -1.19 -13.47
CA SER A 163 1.76 -2.40 -13.19
C SER A 163 1.45 -2.59 -11.71
N SER A 164 2.27 -1.98 -10.84
CA SER A 164 2.06 -2.10 -9.40
C SER A 164 0.84 -1.29 -8.95
N THR A 165 -0.03 -1.95 -8.20
CA THR A 165 -1.26 -1.39 -7.68
C THR A 165 -1.01 -0.66 -6.37
N CYS A 166 0.05 -1.08 -5.69
CA CYS A 166 0.42 -0.49 -4.41
C CYS A 166 1.30 0.74 -4.54
N THR A 167 1.13 1.69 -3.63
CA THR A 167 1.95 2.90 -3.64
C THR A 167 3.41 2.54 -3.38
N VAL A 168 3.64 1.65 -2.43
CA VAL A 168 5.00 1.24 -2.08
C VAL A 168 5.73 0.55 -3.23
N PHE A 169 5.08 -0.46 -3.81
CA PHE A 169 5.69 -1.15 -4.92
C PHE A 169 5.79 -0.22 -6.12
N ALA A 170 4.74 0.55 -6.37
CA ALA A 170 4.75 1.49 -7.50
C ALA A 170 5.85 2.54 -7.34
N GLU A 171 6.20 2.80 -6.10
CA GLU A 171 7.26 3.78 -5.84
C GLU A 171 8.55 3.23 -6.46
N SER A 172 8.87 1.98 -6.17
CA SER A 172 10.07 1.35 -6.71
C SER A 172 10.00 1.34 -8.22
N GLU A 173 8.82 1.04 -8.75
CA GLU A 173 8.68 1.02 -10.20
C GLU A 173 9.13 2.35 -10.76
N VAL A 174 8.57 3.42 -10.23
CA VAL A 174 8.90 4.75 -10.70
C VAL A 174 10.42 4.97 -10.63
N ILE A 175 11.02 4.53 -9.53
CA ILE A 175 12.46 4.65 -9.35
C ILE A 175 13.17 3.88 -10.47
N SER A 176 12.72 2.64 -10.68
CA SER A 176 13.28 1.78 -11.71
C SER A 176 13.06 2.29 -13.14
N GLN A 177 11.95 2.97 -13.37
CA GLN A 177 11.69 3.51 -14.70
C GLN A 177 12.64 4.68 -14.94
N LEU A 178 13.23 5.17 -13.86
CA LEU A 178 14.15 6.27 -13.97
C LEU A 178 15.50 5.68 -14.31
N SER A 179 15.78 4.50 -13.75
CA SER A 179 17.04 3.82 -14.01
C SER A 179 17.17 3.46 -15.48
N LYS A 180 16.03 3.21 -16.10
CA LYS A 180 15.97 2.85 -17.50
C LYS A 180 15.98 4.11 -18.36
N GLY A 181 16.16 5.25 -17.71
CA GLY A 181 16.21 6.49 -18.46
C GLY A 181 14.90 6.98 -19.03
N THR A 182 13.79 6.52 -18.46
CA THR A 182 12.48 6.94 -18.94
C THR A 182 12.19 8.38 -18.49
N ASP A 183 11.65 9.20 -19.40
CA ASP A 183 11.32 10.59 -19.09
C ASP A 183 10.27 10.71 -17.97
N LYS A 184 10.40 11.75 -17.13
CA LYS A 184 9.47 11.99 -16.02
C LYS A 184 8.07 12.28 -16.56
N ILE A 185 8.01 13.11 -17.60
CA ILE A 185 6.74 13.47 -18.23
C ILE A 185 5.92 12.19 -18.48
N ASP A 186 6.59 11.16 -18.97
CA ASP A 186 5.93 9.90 -19.28
C ASP A 186 5.60 9.08 -18.05
N ILE A 187 6.49 9.09 -17.07
CA ILE A 187 6.25 8.36 -15.83
C ILE A 187 5.05 8.97 -15.11
N ILE A 188 4.90 10.28 -15.22
CA ILE A 188 3.81 10.99 -14.58
C ILE A 188 2.47 10.57 -15.16
N ALA A 189 2.32 10.74 -16.47
CA ALA A 189 1.09 10.36 -17.15
C ALA A 189 0.76 8.91 -16.77
N GLY A 190 1.79 8.13 -16.49
CA GLY A 190 1.58 6.76 -16.09
C GLY A 190 1.01 6.70 -14.70
N ILE A 191 1.56 7.52 -13.80
CA ILE A 191 1.09 7.56 -12.42
C ILE A 191 -0.38 7.99 -12.37
N HIS A 192 -0.75 8.90 -13.27
CA HIS A 192 -2.11 9.41 -13.36
C HIS A 192 -3.06 8.31 -13.75
N ARG A 193 -2.74 7.57 -14.81
CA ARG A 193 -3.62 6.48 -15.20
C ARG A 193 -3.70 5.47 -14.06
N SER A 194 -2.59 5.29 -13.35
CA SER A 194 -2.53 4.36 -12.23
C SER A 194 -3.57 4.74 -11.17
N VAL A 195 -3.69 6.04 -10.91
CA VAL A 195 -4.66 6.54 -9.94
C VAL A 195 -6.07 6.35 -10.50
N ALA A 196 -6.24 6.75 -11.76
CA ALA A 196 -7.53 6.62 -12.43
C ALA A 196 -8.00 5.18 -12.32
N SER A 197 -7.09 4.24 -12.55
CA SER A 197 -7.43 2.82 -12.48
C SER A 197 -8.04 2.44 -11.14
N ARG A 198 -7.48 2.93 -10.04
CA ARG A 198 -8.04 2.58 -8.72
C ARG A 198 -9.42 3.20 -8.52
N VAL A 199 -9.56 4.47 -8.93
CA VAL A 199 -10.82 5.15 -8.79
C VAL A 199 -11.85 4.37 -9.58
N ILE A 200 -11.53 4.09 -10.84
CA ILE A 200 -12.42 3.32 -11.70
C ILE A 200 -12.79 2.01 -11.00
N GLY A 201 -11.85 1.43 -10.26
CA GLY A 201 -12.13 0.21 -9.54
C GLY A 201 -13.28 0.38 -8.57
N LEU A 202 -13.20 1.38 -7.69
CA LEU A 202 -14.29 1.64 -6.74
C LEU A 202 -15.53 2.02 -7.53
N ALA A 203 -15.33 2.91 -8.51
CA ALA A 203 -16.39 3.42 -9.36
C ALA A 203 -17.36 2.38 -9.87
N ASN A 204 -16.84 1.25 -10.33
CA ASN A 204 -17.71 0.22 -10.87
C ASN A 204 -18.61 -0.50 -9.87
N ARG A 205 -18.23 -0.50 -8.60
CA ARG A 205 -19.07 -1.17 -7.59
C ARG A 205 -20.33 -0.31 -7.36
N VAL A 206 -20.33 0.90 -7.92
CA VAL A 206 -21.43 1.85 -7.75
C VAL A 206 -22.13 2.13 -9.08
N GLY A 207 -21.33 2.25 -10.13
CA GLY A 207 -21.90 2.50 -11.44
C GLY A 207 -21.82 3.95 -11.82
N ILE A 208 -21.19 4.21 -12.97
CA ILE A 208 -21.06 5.57 -13.45
C ILE A 208 -22.34 6.04 -14.09
N VAL A 209 -23.06 6.90 -13.40
CA VAL A 209 -24.26 7.43 -13.99
C VAL A 209 -23.93 8.74 -14.68
N LYS A 210 -24.89 9.18 -15.46
CA LYS A 210 -24.83 10.39 -16.19
C LYS A 210 -24.48 11.58 -15.35
N ASP A 211 -23.67 12.46 -15.95
CA ASP A 211 -23.18 13.68 -15.31
C ASP A 211 -22.34 13.37 -14.09
N VAL A 212 -21.13 12.89 -14.39
CA VAL A 212 -20.13 12.54 -13.41
C VAL A 212 -19.34 13.80 -13.09
N VAL A 213 -19.09 14.04 -11.82
CA VAL A 213 -18.30 15.21 -11.42
C VAL A 213 -17.19 14.80 -10.47
N MET A 214 -16.02 15.42 -10.65
CA MET A 214 -14.90 15.12 -9.79
C MET A 214 -14.77 16.23 -8.74
N THR A 215 -14.61 15.79 -7.50
CA THR A 215 -14.51 16.66 -6.35
C THR A 215 -13.29 16.34 -5.49
N GLY A 216 -12.85 17.32 -4.71
CA GLY A 216 -11.68 17.11 -3.88
C GLY A 216 -10.51 17.92 -4.39
N GLY A 217 -9.43 17.95 -3.62
CA GLY A 217 -8.29 18.73 -4.06
C GLY A 217 -7.67 18.16 -5.31
N VAL A 218 -7.51 16.84 -5.34
CA VAL A 218 -6.92 16.20 -6.50
C VAL A 218 -7.72 16.53 -7.76
N ALA A 219 -8.95 16.98 -7.57
CA ALA A 219 -9.80 17.32 -8.70
C ALA A 219 -9.09 18.26 -9.65
N GLN A 220 -8.30 19.17 -9.10
CA GLN A 220 -7.56 20.14 -9.90
C GLN A 220 -6.67 19.48 -10.94
N ASN A 221 -6.01 18.39 -10.53
CA ASN A 221 -5.11 17.65 -11.39
C ASN A 221 -5.86 17.15 -12.63
N TYR A 222 -5.88 17.96 -13.69
CA TYR A 222 -6.56 17.56 -14.91
C TYR A 222 -5.87 16.38 -15.57
N GLY A 223 -4.67 16.05 -15.10
CA GLY A 223 -3.98 14.92 -15.65
C GLY A 223 -4.80 13.74 -15.19
N VAL A 224 -5.02 13.68 -13.89
CA VAL A 224 -5.80 12.62 -13.29
C VAL A 224 -7.21 12.57 -13.86
N ARG A 225 -7.91 13.70 -13.84
CA ARG A 225 -9.29 13.72 -14.33
C ARG A 225 -9.40 13.21 -15.77
N GLY A 226 -8.43 13.60 -16.60
CA GLY A 226 -8.45 13.18 -17.99
C GLY A 226 -8.25 11.68 -18.09
N ALA A 227 -7.45 11.14 -17.18
CA ALA A 227 -7.16 9.72 -17.15
C ALA A 227 -8.47 9.02 -16.83
N LEU A 228 -9.30 9.68 -16.02
CA LEU A 228 -10.60 9.15 -15.62
C LEU A 228 -11.61 9.18 -16.78
N GLU A 229 -11.56 10.24 -17.58
CA GLU A 229 -12.48 10.34 -18.70
C GLU A 229 -12.17 9.21 -19.69
N GLU A 230 -10.87 8.91 -19.85
CA GLU A 230 -10.44 7.85 -20.76
C GLU A 230 -10.93 6.50 -20.27
N GLY A 231 -10.71 6.23 -18.98
CA GLY A 231 -11.14 4.98 -18.41
C GLY A 231 -12.63 4.75 -18.49
N LEU A 232 -13.41 5.65 -17.88
CA LEU A 232 -14.86 5.53 -17.88
C LEU A 232 -15.51 5.93 -19.20
N GLY A 233 -14.74 6.58 -20.06
CA GLY A 233 -15.27 6.98 -21.35
C GLY A 233 -16.50 7.89 -21.30
N VAL A 234 -16.55 8.77 -20.31
CA VAL A 234 -17.65 9.71 -20.17
C VAL A 234 -17.08 11.00 -19.65
N GLU A 235 -17.75 12.12 -19.93
CA GLU A 235 -17.29 13.42 -19.47
C GLU A 235 -17.22 13.48 -17.94
N ILE A 236 -16.12 14.03 -17.44
CA ILE A 236 -15.95 14.21 -16.00
C ILE A 236 -15.88 15.73 -15.82
N LYS A 237 -16.83 16.27 -15.08
CA LYS A 237 -16.89 17.71 -14.84
C LYS A 237 -16.18 18.08 -13.55
N THR A 238 -15.81 19.35 -13.47
CA THR A 238 -15.13 19.88 -12.29
C THR A 238 -15.13 21.40 -12.42
N SER A 239 -15.04 22.09 -11.29
CA SER A 239 -15.01 23.56 -11.27
C SER A 239 -14.01 23.99 -10.20
N PRO A 240 -13.67 25.28 -10.19
CA PRO A 240 -12.72 25.84 -9.22
C PRO A 240 -13.07 25.48 -7.77
N LEU A 241 -14.38 25.51 -7.49
CA LEU A 241 -14.91 25.20 -6.17
C LEU A 241 -14.79 23.73 -5.78
N ALA A 242 -14.22 22.95 -6.69
CA ALA A 242 -14.05 21.52 -6.49
C ALA A 242 -13.67 21.12 -5.06
N GLN A 243 -12.58 21.69 -4.55
CA GLN A 243 -12.11 21.35 -3.20
C GLN A 243 -12.94 21.92 -2.06
N TYR A 244 -13.85 22.83 -2.40
CA TYR A 244 -14.70 23.47 -1.41
C TYR A 244 -16.08 22.86 -1.42
N ASN A 245 -16.24 21.74 -2.12
CA ASN A 245 -17.53 21.08 -2.22
C ASN A 245 -18.05 20.60 -0.88
N GLY A 246 -17.21 19.92 -0.13
CA GLY A 246 -17.66 19.41 1.16
C GLY A 246 -18.17 20.53 2.04
N ALA A 247 -17.50 21.68 1.99
CA ALA A 247 -17.88 22.81 2.80
C ALA A 247 -19.18 23.37 2.24
N LEU A 248 -19.21 23.57 0.92
CA LEU A 248 -20.39 24.09 0.25
C LEU A 248 -21.62 23.26 0.60
N GLY A 249 -21.41 21.96 0.75
CA GLY A 249 -22.52 21.11 1.09
C GLY A 249 -22.97 21.40 2.49
N ALA A 250 -22.02 21.63 3.38
CA ALA A 250 -22.36 21.91 4.77
C ALA A 250 -23.15 23.23 4.85
N ALA A 251 -22.68 24.24 4.12
CA ALA A 251 -23.34 25.53 4.14
C ALA A 251 -24.79 25.40 3.63
N LEU A 252 -25.01 24.52 2.66
CA LEU A 252 -26.36 24.32 2.11
C LEU A 252 -27.22 23.62 3.14
N TYR A 253 -26.67 22.64 3.84
CA TYR A 253 -27.45 21.96 4.86
C TYR A 253 -27.71 22.88 6.04
N ALA A 254 -26.84 23.87 6.22
CA ALA A 254 -26.97 24.83 7.31
C ALA A 254 -28.13 25.75 7.00
N TYR A 255 -28.13 26.34 5.81
CA TYR A 255 -29.20 27.25 5.40
C TYR A 255 -30.52 26.52 5.38
N LYS A 256 -30.46 25.20 5.27
CA LYS A 256 -31.68 24.40 5.25
C LYS A 256 -32.16 24.22 6.68
N LYS A 257 -31.23 23.94 7.58
CA LYS A 257 -31.54 23.76 9.00
C LYS A 257 -32.00 25.09 9.59
N ALA A 258 -31.61 26.19 8.94
CA ALA A 258 -31.94 27.53 9.40
C ALA A 258 -33.22 28.01 8.74
N ALA A 259 -34.05 27.06 8.35
CA ALA A 259 -35.33 27.41 7.72
C ALA A 259 -36.38 26.44 8.25
N LYS A 260 -35.92 25.46 9.03
CA LYS A 260 -36.82 24.48 9.65
C LYS A 260 -36.33 24.19 11.07
N SER B 2 27.04 -39.46 -4.35
CA SER B 2 27.61 -39.61 -5.73
C SER B 2 26.89 -38.75 -6.78
N ILE B 3 25.60 -38.48 -6.61
CA ILE B 3 24.89 -37.62 -7.56
C ILE B 3 24.69 -36.23 -6.95
N TYR B 4 25.29 -35.23 -7.57
CA TYR B 4 25.18 -33.86 -7.08
C TYR B 4 24.22 -33.02 -7.91
N THR B 5 23.33 -32.31 -7.24
CA THR B 5 22.37 -31.45 -7.93
C THR B 5 22.42 -30.00 -7.45
N LEU B 6 21.97 -29.10 -8.30
CA LEU B 6 21.99 -27.69 -8.00
C LEU B 6 20.63 -27.02 -7.97
N GLY B 7 20.28 -26.47 -6.81
CA GLY B 7 19.02 -25.76 -6.64
C GLY B 7 19.31 -24.25 -6.64
N ILE B 8 18.62 -23.50 -7.49
CA ILE B 8 18.84 -22.05 -7.58
C ILE B 8 17.53 -21.28 -7.41
N ASP B 9 17.44 -20.52 -6.33
CA ASP B 9 16.26 -19.73 -6.03
C ASP B 9 16.58 -18.26 -6.27
N VAL B 10 16.24 -17.74 -7.44
CA VAL B 10 16.54 -16.34 -7.71
C VAL B 10 15.37 -15.43 -7.35
N GLY B 11 15.45 -14.81 -6.16
CA GLY B 11 14.41 -13.92 -5.71
C GLY B 11 14.58 -12.49 -6.18
N SER B 12 13.70 -11.60 -5.72
CA SER B 12 13.74 -10.19 -6.10
C SER B 12 14.79 -9.44 -5.29
N THR B 13 15.06 -9.96 -4.08
CA THR B 13 16.02 -9.39 -3.15
C THR B 13 17.39 -10.06 -3.22
N ALA B 14 17.37 -11.38 -3.26
CA ALA B 14 18.61 -12.12 -3.32
C ALA B 14 18.48 -13.39 -4.13
N SER B 15 19.61 -14.00 -4.39
CA SER B 15 19.66 -15.24 -5.14
C SER B 15 20.33 -16.26 -4.22
N LYS B 16 19.61 -17.31 -3.87
CA LYS B 16 20.14 -18.37 -3.01
C LYS B 16 20.45 -19.62 -3.83
N CYS B 17 21.45 -20.37 -3.42
CA CYS B 17 21.84 -21.59 -4.10
C CYS B 17 22.10 -22.74 -3.14
N ILE B 18 21.74 -23.93 -3.58
CA ILE B 18 21.93 -25.14 -2.80
C ILE B 18 22.44 -26.29 -3.68
N ILE B 19 23.36 -27.07 -3.12
CA ILE B 19 23.92 -28.22 -3.82
C ILE B 19 23.85 -29.40 -2.87
N LEU B 20 23.21 -30.48 -3.27
CA LEU B 20 23.14 -31.63 -2.39
C LEU B 20 23.53 -32.95 -3.07
N LYS B 21 24.08 -33.84 -2.26
CA LYS B 21 24.54 -35.15 -2.71
C LYS B 21 23.51 -36.24 -2.45
N ASP B 22 23.02 -36.84 -3.53
CA ASP B 22 22.04 -37.91 -3.48
C ASP B 22 20.69 -37.43 -2.94
N GLY B 23 20.48 -36.13 -3.00
CA GLY B 23 19.26 -35.54 -2.51
C GLY B 23 19.05 -35.76 -1.02
N LYS B 24 20.11 -36.11 -0.32
CA LYS B 24 20.01 -36.38 1.10
C LYS B 24 20.78 -35.44 2.03
N GLU B 25 21.88 -34.88 1.54
CA GLU B 25 22.64 -33.97 2.39
C GLU B 25 23.08 -32.73 1.64
N ILE B 26 23.05 -31.60 2.34
CA ILE B 26 23.47 -30.33 1.75
C ILE B 26 24.99 -30.25 1.79
N VAL B 27 25.62 -30.00 0.66
CA VAL B 27 27.07 -29.92 0.65
C VAL B 27 27.51 -28.46 0.70
N ALA B 28 26.72 -27.59 0.08
CA ALA B 28 27.05 -26.18 0.07
C ALA B 28 25.88 -25.30 -0.34
N LYS B 29 25.89 -24.06 0.14
CA LYS B 29 24.86 -23.09 -0.17
C LYS B 29 25.49 -21.72 -0.37
N SER B 30 24.74 -20.80 -0.97
CA SER B 30 25.26 -19.46 -1.17
C SER B 30 24.12 -18.47 -1.28
N LEU B 31 24.45 -17.19 -1.11
CA LEU B 31 23.46 -16.13 -1.15
C LEU B 31 24.12 -14.85 -1.65
N VAL B 32 23.53 -14.26 -2.68
CA VAL B 32 24.07 -13.05 -3.28
C VAL B 32 22.97 -12.02 -3.55
N ALA B 33 23.18 -10.79 -3.09
CA ALA B 33 22.18 -9.74 -3.29
C ALA B 33 21.98 -9.36 -4.74
N VAL B 34 21.07 -8.42 -4.95
CA VAL B 34 20.82 -7.91 -6.27
C VAL B 34 21.47 -6.55 -6.33
N GLY B 35 22.78 -6.56 -6.53
CA GLY B 35 23.52 -5.33 -6.65
C GLY B 35 23.35 -5.05 -8.11
N THR B 36 23.59 -3.83 -8.54
CA THR B 36 23.44 -3.50 -9.96
C THR B 36 24.49 -4.18 -10.83
N GLY B 37 24.03 -4.99 -11.77
CA GLY B 37 24.97 -5.66 -12.65
C GLY B 37 24.35 -6.77 -13.50
N THR B 38 23.29 -7.40 -12.98
CA THR B 38 22.60 -8.51 -13.64
C THR B 38 23.51 -9.72 -13.78
N SER B 39 24.19 -10.05 -12.68
CA SER B 39 25.08 -11.20 -12.66
C SER B 39 25.16 -11.66 -11.21
N GLY B 40 24.20 -11.23 -10.41
CA GLY B 40 24.18 -11.68 -9.04
C GLY B 40 23.68 -13.11 -9.00
N PRO B 41 22.69 -13.47 -9.80
CA PRO B 41 22.25 -14.88 -9.81
C PRO B 41 23.39 -15.74 -10.32
N ALA B 42 24.04 -15.25 -11.39
CA ALA B 42 25.17 -15.93 -11.97
C ALA B 42 26.25 -16.06 -10.90
N ARG B 43 26.60 -14.93 -10.29
CA ARG B 43 27.60 -14.90 -9.23
C ARG B 43 27.39 -15.92 -8.14
N SER B 44 26.14 -16.06 -7.72
CA SER B 44 25.80 -16.99 -6.66
C SER B 44 26.09 -18.43 -7.06
N ILE B 45 25.91 -18.74 -8.33
CA ILE B 45 26.18 -20.09 -8.83
C ILE B 45 27.67 -20.39 -8.68
N SER B 46 28.50 -19.44 -9.07
CA SER B 46 29.94 -19.57 -8.96
C SER B 46 30.26 -19.76 -7.49
N GLU B 47 29.68 -18.89 -6.66
CA GLU B 47 29.87 -18.92 -5.21
C GLU B 47 29.68 -20.33 -4.65
N VAL B 48 28.56 -20.96 -4.97
CA VAL B 48 28.30 -22.32 -4.47
C VAL B 48 29.33 -23.31 -4.98
N LEU B 49 29.44 -23.39 -6.30
CA LEU B 49 30.38 -24.29 -6.92
C LEU B 49 31.76 -24.16 -6.24
N GLU B 50 32.19 -22.93 -5.99
CA GLU B 50 33.47 -22.71 -5.32
C GLU B 50 33.45 -23.28 -3.92
N ASN B 51 32.49 -22.82 -3.11
CA ASN B 51 32.37 -23.28 -1.73
C ASN B 51 32.42 -24.81 -1.68
N ALA B 52 31.80 -25.44 -2.67
CA ALA B 52 31.74 -26.89 -2.76
C ALA B 52 32.98 -27.54 -3.40
N HIS B 53 33.72 -26.75 -4.17
CA HIS B 53 34.92 -27.25 -4.85
C HIS B 53 34.54 -28.16 -6.01
N MET B 54 33.56 -27.75 -6.80
CA MET B 54 33.12 -28.53 -7.96
C MET B 54 32.77 -27.61 -9.12
N LYS B 55 32.50 -28.19 -10.29
CA LYS B 55 32.16 -27.37 -11.46
C LYS B 55 30.76 -27.70 -11.98
N LYS B 56 30.18 -26.79 -12.76
CA LYS B 56 28.84 -26.96 -13.31
C LYS B 56 28.57 -28.32 -13.95
N GLU B 57 29.62 -28.89 -14.55
CA GLU B 57 29.49 -30.17 -15.20
C GLU B 57 29.13 -31.28 -14.22
N ASP B 58 29.74 -31.24 -13.03
CA ASP B 58 29.50 -32.27 -12.01
C ASP B 58 28.05 -32.37 -11.56
N MET B 59 27.26 -31.35 -11.86
CA MET B 59 25.85 -31.32 -11.46
C MET B 59 25.02 -32.21 -12.36
N ALA B 60 24.40 -33.22 -11.76
CA ALA B 60 23.57 -34.16 -12.49
C ALA B 60 22.36 -33.47 -13.12
N PHE B 61 21.69 -32.62 -12.35
CA PHE B 61 20.53 -31.90 -12.84
C PHE B 61 20.50 -30.53 -12.14
N THR B 62 20.11 -29.50 -12.88
CA THR B 62 20.03 -28.16 -12.30
C THR B 62 18.59 -27.65 -12.44
N LEU B 63 18.03 -27.20 -11.33
CA LEU B 63 16.67 -26.73 -11.32
C LEU B 63 16.60 -25.34 -10.74
N ALA B 64 16.02 -24.42 -11.50
CA ALA B 64 15.89 -23.04 -11.04
C ALA B 64 14.45 -22.67 -10.69
N THR B 65 14.30 -21.81 -9.68
CA THR B 65 13.00 -21.35 -9.21
C THR B 65 13.13 -19.90 -8.74
N GLY B 66 11.99 -19.28 -8.42
CA GLY B 66 12.03 -17.91 -7.95
C GLY B 66 11.44 -16.91 -8.91
N TYR B 67 11.53 -15.63 -8.56
CA TYR B 67 10.98 -14.56 -9.38
C TYR B 67 11.55 -14.53 -10.81
N GLY B 68 12.85 -14.72 -10.96
CA GLY B 68 13.42 -14.70 -12.30
C GLY B 68 13.68 -16.07 -12.94
N ARG B 69 13.01 -17.10 -12.46
CA ARG B 69 13.19 -18.46 -13.00
C ARG B 69 13.43 -18.50 -14.52
N ASN B 70 12.53 -17.91 -15.30
CA ASN B 70 12.63 -17.88 -16.76
C ASN B 70 13.87 -17.16 -17.30
N SER B 71 14.79 -16.81 -16.40
CA SER B 71 16.00 -16.10 -16.80
C SER B 71 17.19 -17.05 -16.88
N LEU B 72 17.10 -18.18 -16.19
CA LEU B 72 18.17 -19.16 -16.19
C LEU B 72 17.98 -20.23 -17.26
N GLU B 73 17.23 -19.89 -18.31
CA GLU B 73 17.01 -20.84 -19.40
C GLU B 73 18.31 -20.99 -20.19
N GLY B 74 18.99 -22.10 -19.95
CA GLY B 74 20.26 -22.35 -20.61
C GLY B 74 21.15 -22.89 -19.51
N ILE B 75 21.05 -22.27 -18.34
CA ILE B 75 21.84 -22.68 -17.18
C ILE B 75 21.17 -23.86 -16.48
N ALA B 76 19.88 -23.69 -16.16
CA ALA B 76 19.10 -24.72 -15.51
C ALA B 76 18.58 -25.71 -16.56
N ASP B 77 17.82 -26.70 -16.12
CA ASP B 77 17.27 -27.69 -17.03
C ASP B 77 15.75 -27.64 -17.00
N LYS B 78 15.18 -27.33 -15.84
CA LYS B 78 13.74 -27.19 -15.68
C LYS B 78 13.46 -26.16 -14.57
N GLN B 79 12.33 -25.48 -14.67
CA GLN B 79 11.92 -24.48 -13.68
C GLN B 79 10.68 -24.97 -12.95
N MET B 80 10.46 -24.49 -11.74
CA MET B 80 9.30 -24.92 -10.97
C MET B 80 8.70 -23.86 -10.06
N SER B 81 7.40 -23.98 -9.82
CA SER B 81 6.65 -23.07 -8.97
C SER B 81 7.32 -22.91 -7.60
N GLU B 82 7.33 -21.68 -7.11
CA GLU B 82 7.94 -21.39 -5.83
C GLU B 82 7.14 -22.05 -4.72
N LEU B 83 5.83 -22.21 -4.91
CA LEU B 83 4.98 -22.85 -3.90
C LEU B 83 5.43 -24.30 -3.69
N SER B 84 5.70 -24.97 -4.81
CA SER B 84 6.12 -26.38 -4.82
C SER B 84 7.44 -26.65 -4.12
N CYS B 85 8.43 -25.81 -4.41
CA CYS B 85 9.75 -25.97 -3.81
C CYS B 85 9.71 -25.74 -2.29
N HIS B 86 8.99 -24.71 -1.88
CA HIS B 86 8.88 -24.42 -0.46
C HIS B 86 8.26 -25.60 0.28
N ALA B 87 7.23 -26.19 -0.32
CA ALA B 87 6.56 -27.35 0.27
C ALA B 87 7.53 -28.54 0.31
N MET B 88 8.23 -28.75 -0.81
CA MET B 88 9.19 -29.83 -0.91
C MET B 88 10.32 -29.62 0.10
N GLY B 89 10.89 -28.40 0.10
CA GLY B 89 11.98 -28.07 1.00
C GLY B 89 11.60 -28.14 2.47
N ALA B 90 10.43 -27.60 2.80
CA ALA B 90 9.97 -27.61 4.17
C ALA B 90 9.97 -29.06 4.66
N SER B 91 9.41 -29.94 3.83
CA SER B 91 9.30 -31.36 4.14
C SER B 91 10.65 -32.01 4.41
N PHE B 92 11.67 -31.54 3.70
CA PHE B 92 13.01 -32.08 3.88
C PHE B 92 13.57 -31.67 5.23
N ILE B 93 13.21 -30.47 5.69
CA ILE B 93 13.70 -29.96 6.98
C ILE B 93 12.81 -30.41 8.13
N TRP B 94 11.50 -30.33 7.93
CA TRP B 94 10.54 -30.72 8.95
C TRP B 94 9.56 -31.70 8.32
N PRO B 95 9.70 -32.99 8.64
CA PRO B 95 8.85 -34.05 8.11
C PRO B 95 7.34 -33.86 8.35
N ASN B 96 6.99 -33.29 9.51
CA ASN B 96 5.59 -33.10 9.85
C ASN B 96 4.96 -31.77 9.47
N VAL B 97 5.61 -31.04 8.58
CA VAL B 97 5.05 -29.76 8.16
C VAL B 97 3.71 -30.00 7.50
N HIS B 98 2.85 -29.01 7.58
CA HIS B 98 1.53 -29.10 6.97
C HIS B 98 1.15 -27.68 6.60
N THR B 99 1.82 -26.73 7.25
CA THR B 99 1.59 -25.32 7.00
C THR B 99 2.93 -24.60 6.95
N VAL B 100 3.16 -23.88 5.85
CA VAL B 100 4.39 -23.14 5.66
C VAL B 100 4.13 -21.65 5.46
N ILE B 101 4.69 -20.83 6.34
CA ILE B 101 4.53 -19.39 6.22
C ILE B 101 5.81 -18.84 5.63
N ASP B 102 5.74 -18.36 4.39
CA ASP B 102 6.92 -17.81 3.72
C ASP B 102 6.85 -16.30 3.48
N ILE B 103 7.63 -15.55 4.24
CA ILE B 103 7.67 -14.10 4.07
C ILE B 103 8.98 -13.71 3.40
N GLY B 104 8.87 -13.08 2.25
CA GLY B 104 10.06 -12.62 1.55
C GLY B 104 9.84 -11.14 1.22
N GLY B 105 10.80 -10.51 0.56
CA GLY B 105 10.59 -9.13 0.22
C GLY B 105 9.52 -9.13 -0.85
N GLN B 106 8.71 -8.08 -0.91
CA GLN B 106 7.67 -7.95 -1.92
C GLN B 106 6.52 -8.98 -2.01
N ASP B 107 6.42 -9.89 -1.04
CA ASP B 107 5.34 -10.85 -1.06
C ASP B 107 5.30 -11.81 0.14
N VAL B 108 4.12 -12.31 0.46
CA VAL B 108 3.92 -13.26 1.56
C VAL B 108 3.06 -14.38 1.00
N LYS B 109 3.12 -15.55 1.64
CA LYS B 109 2.30 -16.67 1.19
C LYS B 109 2.30 -17.80 2.22
N VAL B 110 1.11 -18.32 2.51
CA VAL B 110 0.98 -19.42 3.47
C VAL B 110 0.59 -20.65 2.68
N ILE B 111 1.35 -21.73 2.89
CA ILE B 111 1.12 -22.97 2.16
C ILE B 111 0.77 -24.16 3.03
N HIS B 112 -0.27 -24.89 2.61
CA HIS B 112 -0.67 -26.09 3.33
C HIS B 112 0.05 -27.23 2.61
N VAL B 113 0.79 -28.04 3.38
CA VAL B 113 1.58 -29.12 2.81
C VAL B 113 1.14 -30.51 3.21
N GLU B 114 1.12 -31.42 2.24
CA GLU B 114 0.76 -32.82 2.44
C GLU B 114 1.68 -33.65 1.55
N ASN B 115 2.49 -34.53 2.16
CA ASN B 115 3.44 -35.36 1.43
C ASN B 115 4.29 -34.47 0.54
N GLY B 116 5.07 -33.58 1.16
CA GLY B 116 5.94 -32.67 0.43
C GLY B 116 5.30 -31.91 -0.72
N THR B 117 3.98 -31.83 -0.72
CA THR B 117 3.26 -31.15 -1.79
C THR B 117 2.36 -30.02 -1.31
N MET B 118 2.13 -29.07 -2.21
CA MET B 118 1.30 -27.93 -1.91
C MET B 118 -0.17 -28.27 -2.16
N THR B 119 -0.89 -28.46 -1.07
CA THR B 119 -2.31 -28.78 -1.09
C THR B 119 -3.12 -27.52 -1.44
N ASN B 120 -2.99 -26.51 -0.60
CA ASN B 120 -3.69 -25.25 -0.80
C ASN B 120 -2.76 -24.12 -0.35
N PHE B 121 -3.09 -22.89 -0.74
CA PHE B 121 -2.26 -21.75 -0.37
C PHE B 121 -2.95 -20.41 -0.59
N GLN B 122 -2.46 -19.41 0.14
CA GLN B 122 -2.97 -18.06 0.06
C GLN B 122 -1.71 -17.21 -0.04
N MET B 123 -1.71 -16.22 -0.92
CA MET B 123 -0.53 -15.38 -1.05
C MET B 123 -0.85 -13.92 -1.36
N ASN B 124 0.01 -13.02 -0.86
CA ASN B 124 -0.15 -11.60 -1.12
C ASN B 124 0.97 -11.17 -2.07
N ASP B 125 0.58 -10.58 -3.19
CA ASP B 125 1.54 -10.17 -4.18
C ASP B 125 1.43 -8.68 -4.52
N LYS B 126 0.31 -8.07 -4.12
CA LYS B 126 0.06 -6.66 -4.44
C LYS B 126 0.29 -5.64 -3.31
N CYS B 127 -0.05 -6.00 -2.08
CA CYS B 127 0.10 -5.10 -0.94
C CYS B 127 1.48 -5.26 -0.31
N ALA B 128 2.19 -4.15 -0.11
CA ALA B 128 3.51 -4.17 0.51
C ALA B 128 3.41 -4.50 2.00
N ALA B 129 2.20 -4.45 2.53
CA ALA B 129 2.00 -4.76 3.95
C ALA B 129 2.34 -6.21 4.25
N GLY B 130 2.91 -6.46 5.42
CA GLY B 130 3.26 -7.84 5.78
C GLY B 130 4.47 -8.42 5.09
N THR B 131 5.03 -7.73 4.11
CA THR B 131 6.20 -8.22 3.40
C THR B 131 7.46 -7.68 4.06
N GLY B 132 8.61 -8.16 3.64
CA GLY B 132 9.84 -7.67 4.22
C GLY B 132 10.05 -6.22 3.82
N ARG B 133 9.31 -5.81 2.79
CA ARG B 133 9.41 -4.45 2.28
C ARG B 133 8.77 -3.49 3.31
N PHE B 134 7.80 -4.02 4.03
CA PHE B 134 7.12 -3.27 5.07
C PHE B 134 8.21 -2.96 6.12
N LEU B 135 8.90 -4.01 6.55
CA LEU B 135 9.98 -3.90 7.54
C LEU B 135 11.10 -2.98 7.11
N ASP B 136 11.35 -2.88 5.81
CA ASP B 136 12.41 -2.02 5.30
C ASP B 136 12.01 -0.57 5.52
N VAL B 137 10.88 -0.21 4.96
CA VAL B 137 10.36 1.14 5.08
C VAL B 137 10.30 1.59 6.54
N MET B 138 10.14 0.64 7.46
CA MET B 138 10.05 1.00 8.88
C MET B 138 11.44 1.13 9.50
N ALA B 139 12.34 0.23 9.11
CA ALA B 139 13.70 0.24 9.63
C ALA B 139 14.39 1.53 9.21
N ASN B 140 14.03 2.03 8.03
CA ASN B 140 14.62 3.26 7.52
C ASN B 140 14.17 4.48 8.35
N ILE B 141 12.87 4.63 8.57
CA ILE B 141 12.38 5.75 9.34
C ILE B 141 12.95 5.68 10.76
N LEU B 142 12.97 4.48 11.34
CA LEU B 142 13.51 4.31 12.68
C LEU B 142 15.02 4.51 12.66
N GLU B 143 15.58 4.47 11.46
CA GLU B 143 17.02 4.60 11.28
C GLU B 143 17.73 3.45 11.97
N VAL B 144 17.35 2.22 11.60
CA VAL B 144 17.94 1.01 12.18
C VAL B 144 18.15 -0.02 11.06
N LYS B 145 18.93 -1.06 11.35
CA LYS B 145 19.19 -2.10 10.36
C LYS B 145 18.15 -3.23 10.47
N VAL B 146 17.54 -3.54 9.33
CA VAL B 146 16.52 -4.58 9.23
C VAL B 146 16.89 -5.84 9.99
N SER B 147 18.18 -6.14 10.08
CA SER B 147 18.65 -7.34 10.78
C SER B 147 18.88 -7.09 12.28
N ASP B 148 18.50 -5.91 12.76
CA ASP B 148 18.65 -5.55 14.16
C ASP B 148 17.28 -5.50 14.82
N LEU B 149 16.26 -5.20 14.00
CA LEU B 149 14.88 -5.12 14.46
C LEU B 149 14.55 -6.23 15.44
N ALA B 150 14.81 -7.48 15.07
CA ALA B 150 14.51 -8.59 15.96
C ALA B 150 15.12 -8.37 17.35
N GLU B 151 16.43 -8.10 17.39
CA GLU B 151 17.16 -7.87 18.63
C GLU B 151 16.64 -6.72 19.46
N LEU B 152 16.29 -5.62 18.79
CA LEU B 152 15.78 -4.44 19.48
C LEU B 152 14.40 -4.68 20.08
N GLY B 153 13.44 -5.04 19.23
CA GLY B 153 12.09 -5.29 19.69
C GLY B 153 11.98 -6.22 20.88
N ALA B 154 12.97 -7.09 21.05
CA ALA B 154 12.96 -8.04 22.16
C ALA B 154 13.10 -7.35 23.51
N LYS B 155 13.47 -6.07 23.49
CA LYS B 155 13.67 -5.29 24.70
C LYS B 155 12.46 -4.45 25.09
N SER B 156 11.44 -4.43 24.23
CA SER B 156 10.23 -3.65 24.48
C SER B 156 9.54 -4.07 25.78
N THR B 157 9.01 -3.08 26.51
CA THR B 157 8.31 -3.31 27.77
C THR B 157 6.87 -2.81 27.67
N LYS B 158 6.60 -1.96 26.69
CA LYS B 158 5.27 -1.41 26.49
C LYS B 158 4.69 -1.78 25.13
N ARG B 159 3.41 -2.13 25.12
CA ARG B 159 2.75 -2.47 23.86
C ARG B 159 2.34 -1.19 23.14
N VAL B 160 2.81 -1.06 21.91
CA VAL B 160 2.49 0.10 21.10
C VAL B 160 1.91 -0.44 19.81
N ALA B 161 0.64 -0.16 19.58
CA ALA B 161 -0.02 -0.66 18.38
C ALA B 161 0.07 0.29 17.19
N ILE B 162 0.08 -0.30 16.00
CA ILE B 162 0.12 0.46 14.77
C ILE B 162 -1.23 0.10 14.17
N SER B 163 -2.23 0.97 14.36
CA SER B 163 -3.56 0.69 13.84
C SER B 163 -3.63 0.69 12.32
N SER B 164 -2.70 1.39 11.68
CA SER B 164 -2.68 1.44 10.22
C SER B 164 -2.23 0.10 9.61
N THR B 165 -3.02 -0.40 8.68
CA THR B 165 -2.79 -1.65 7.98
C THR B 165 -1.83 -1.45 6.84
N CYS B 166 -1.83 -0.22 6.33
CA CYS B 166 -1.00 0.15 5.19
C CYS B 166 0.44 0.55 5.57
N THR B 167 1.42 0.19 4.73
CA THR B 167 2.80 0.56 5.00
C THR B 167 2.95 2.07 4.98
N VAL B 168 2.29 2.73 4.02
CA VAL B 168 2.38 4.19 3.88
C VAL B 168 1.79 4.92 5.08
N PHE B 169 0.58 4.56 5.44
CA PHE B 169 -0.04 5.20 6.59
C PHE B 169 0.70 4.80 7.86
N ALA B 170 1.05 3.52 8.00
CA ALA B 170 1.79 3.07 9.19
C ALA B 170 3.13 3.79 9.29
N GLU B 171 3.68 4.20 8.16
CA GLU B 171 4.94 4.90 8.17
C GLU B 171 4.76 6.20 8.97
N SER B 172 3.71 6.95 8.64
CA SER B 172 3.42 8.19 9.35
C SER B 172 3.17 7.91 10.81
N GLU B 173 2.45 6.84 11.11
CA GLU B 173 2.18 6.49 12.50
C GLU B 173 3.51 6.39 13.23
N VAL B 174 4.42 5.59 12.68
CA VAL B 174 5.72 5.40 13.32
C VAL B 174 6.40 6.74 13.55
N ILE B 175 6.29 7.63 12.56
CA ILE B 175 6.89 8.96 12.66
C ILE B 175 6.24 9.71 13.83
N SER B 176 4.91 9.66 13.86
CA SER B 176 4.12 10.32 14.89
C SER B 176 4.35 9.72 16.28
N GLN B 177 4.61 8.42 16.36
CA GLN B 177 4.85 7.79 17.66
C GLN B 177 6.21 8.25 18.17
N LEU B 178 7.00 8.81 17.26
CA LEU B 178 8.31 9.31 17.62
C LEU B 178 8.14 10.73 18.17
N SER B 179 7.19 11.47 17.59
CA SER B 179 6.90 12.83 18.01
C SER B 179 6.39 12.83 19.45
N LYS B 180 5.70 11.75 19.81
CA LYS B 180 5.14 11.60 21.15
C LYS B 180 6.22 11.08 22.10
N GLY B 181 7.46 10.99 21.59
CA GLY B 181 8.56 10.51 22.39
C GLY B 181 8.55 9.04 22.74
N THR B 182 7.83 8.23 21.96
CA THR B 182 7.75 6.78 22.22
C THR B 182 9.07 6.12 21.84
N ASP B 183 9.53 5.20 22.69
CA ASP B 183 10.80 4.49 22.46
C ASP B 183 10.75 3.63 21.18
N LYS B 184 11.88 3.55 20.48
CA LYS B 184 11.97 2.76 19.24
C LYS B 184 11.73 1.29 19.53
N ILE B 185 12.36 0.80 20.60
CA ILE B 185 12.21 -0.59 21.02
C ILE B 185 10.74 -0.98 21.03
N ASP B 186 9.89 -0.09 21.54
CA ASP B 186 8.46 -0.35 21.62
C ASP B 186 7.76 -0.22 20.27
N ILE B 187 8.19 0.77 19.47
CA ILE B 187 7.60 0.97 18.15
C ILE B 187 7.90 -0.25 17.27
N ILE B 188 9.08 -0.82 17.45
CA ILE B 188 9.49 -1.98 16.68
C ILE B 188 8.62 -3.18 16.98
N ALA B 189 8.53 -3.55 18.26
CA ALA B 189 7.71 -4.69 18.66
C ALA B 189 6.31 -4.49 18.09
N GLY B 190 5.93 -3.22 17.96
CA GLY B 190 4.62 -2.91 17.41
C GLY B 190 4.57 -3.21 15.94
N ILE B 191 5.62 -2.84 15.23
CA ILE B 191 5.71 -3.07 13.79
C ILE B 191 5.68 -4.57 13.51
N HIS B 192 6.30 -5.33 14.41
CA HIS B 192 6.36 -6.77 14.27
C HIS B 192 4.98 -7.37 14.38
N ARG B 193 4.21 -6.97 15.39
CA ARG B 193 2.88 -7.52 15.54
C ARG B 193 2.04 -7.10 14.34
N SER B 194 2.33 -5.91 13.83
CA SER B 194 1.62 -5.38 12.68
C SER B 194 1.80 -6.32 11.48
N VAL B 195 3.04 -6.80 11.31
CA VAL B 195 3.35 -7.72 10.21
C VAL B 195 2.65 -9.06 10.50
N ALA B 196 2.79 -9.54 11.73
CA ALA B 196 2.18 -10.79 12.14
C ALA B 196 0.70 -10.77 11.82
N SER B 197 0.05 -9.65 12.14
CA SER B 197 -1.36 -9.51 11.88
C SER B 197 -1.72 -9.78 10.43
N ARG B 198 -0.95 -9.22 9.49
CA ARG B 198 -1.24 -9.42 8.08
C ARG B 198 -1.06 -10.88 7.69
N VAL B 199 0.04 -11.47 8.14
CA VAL B 199 0.32 -12.85 7.83
C VAL B 199 -0.84 -13.68 8.35
N ILE B 200 -1.19 -13.47 9.61
CA ILE B 200 -2.30 -14.20 10.21
C ILE B 200 -3.57 -14.01 9.37
N GLY B 201 -3.71 -12.85 8.74
CA GLY B 201 -4.86 -12.58 7.89
C GLY B 201 -4.92 -13.59 6.76
N LEU B 202 -3.83 -13.71 6.01
CA LEU B 202 -3.77 -14.67 4.91
C LEU B 202 -3.89 -16.08 5.47
N ALA B 203 -3.13 -16.32 6.53
CA ALA B 203 -3.08 -17.61 7.20
C ALA B 203 -4.44 -18.26 7.43
N ASN B 204 -5.40 -17.48 7.90
CA ASN B 204 -6.71 -18.04 8.19
C ASN B 204 -7.53 -18.49 6.99
N ARG B 205 -7.26 -17.94 5.80
CA ARG B 205 -8.00 -18.34 4.60
C ARG B 205 -7.54 -19.75 4.22
N VAL B 206 -6.46 -20.21 4.86
CA VAL B 206 -5.89 -21.53 4.58
C VAL B 206 -6.03 -22.48 5.76
N GLY B 207 -5.87 -21.94 6.96
CA GLY B 207 -5.97 -22.77 8.14
C GLY B 207 -4.62 -23.24 8.67
N ILE B 208 -4.34 -22.89 9.92
CA ILE B 208 -3.09 -23.28 10.52
C ILE B 208 -3.10 -24.72 10.95
N VAL B 209 -2.39 -25.56 10.21
CA VAL B 209 -2.35 -26.94 10.60
C VAL B 209 -1.14 -27.16 11.45
N LYS B 210 -1.13 -28.35 12.04
CA LYS B 210 -0.06 -28.77 12.88
C LYS B 210 1.31 -28.69 12.24
N ASP B 211 2.30 -28.32 13.06
CA ASP B 211 3.66 -28.17 12.64
C ASP B 211 3.76 -27.12 11.56
N VAL B 212 3.68 -25.87 12.02
CA VAL B 212 3.80 -24.67 11.21
C VAL B 212 5.27 -24.28 11.16
N VAL B 213 5.76 -23.92 9.98
CA VAL B 213 7.15 -23.52 9.85
C VAL B 213 7.24 -22.21 9.08
N MET B 214 8.14 -21.34 9.53
CA MET B 214 8.32 -20.06 8.87
C MET B 214 9.55 -20.14 7.97
N THR B 215 9.35 -19.68 6.75
CA THR B 215 10.36 -19.69 5.70
C THR B 215 10.54 -18.32 5.09
N GLY B 216 11.71 -18.10 4.48
CA GLY B 216 11.99 -16.82 3.86
C GLY B 216 13.04 -16.07 4.66
N GLY B 217 13.52 -14.95 4.11
CA GLY B 217 14.54 -14.19 4.80
C GLY B 217 14.02 -13.63 6.10
N VAL B 218 12.82 -13.05 6.05
CA VAL B 218 12.21 -12.48 7.24
C VAL B 218 12.08 -13.51 8.34
N ALA B 219 12.19 -14.79 7.96
CA ALA B 219 12.08 -15.88 8.93
C ALA B 219 13.06 -15.67 10.08
N GLN B 220 14.25 -15.15 9.76
CA GLN B 220 15.27 -14.89 10.78
C GLN B 220 14.76 -14.00 11.90
N ASN B 221 14.03 -12.95 11.53
CA ASN B 221 13.47 -11.99 12.48
C ASN B 221 12.59 -12.70 13.51
N TYR B 222 13.21 -13.14 14.61
CA TYR B 222 12.45 -13.85 15.64
C TYR B 222 11.47 -12.91 16.34
N GLY B 223 11.59 -11.62 16.07
CA GLY B 223 10.65 -10.67 16.65
C GLY B 223 9.35 -10.98 15.94
N VAL B 224 9.41 -10.99 14.62
CA VAL B 224 8.26 -11.28 13.79
C VAL B 224 7.68 -12.68 14.06
N ARG B 225 8.53 -13.69 13.99
CA ARG B 225 8.08 -15.05 14.23
C ARG B 225 7.37 -15.20 15.58
N GLY B 226 7.92 -14.56 16.61
CA GLY B 226 7.33 -14.63 17.94
C GLY B 226 5.97 -13.98 17.94
N ALA B 227 5.83 -12.91 17.17
CA ALA B 227 4.57 -12.20 17.08
C ALA B 227 3.56 -13.14 16.46
N LEU B 228 4.04 -14.01 15.57
CA LEU B 228 3.20 -14.99 14.90
C LEU B 228 2.75 -16.11 15.84
N GLU B 229 3.65 -16.53 16.72
CA GLU B 229 3.31 -17.59 17.66
C GLU B 229 2.22 -17.08 18.59
N GLU B 230 2.31 -15.81 18.96
CA GLU B 230 1.32 -15.20 19.84
C GLU B 230 -0.03 -15.15 19.16
N GLY B 231 -0.04 -14.67 17.92
CA GLY B 231 -1.28 -14.57 17.17
C GLY B 231 -1.97 -15.90 16.95
N LEU B 232 -1.28 -16.82 16.29
CA LEU B 232 -1.84 -18.13 16.00
C LEU B 232 -1.84 -19.07 17.21
N GLY B 233 -1.11 -18.69 18.25
CA GLY B 233 -1.08 -19.52 19.45
C GLY B 233 -0.59 -20.95 19.25
N VAL B 234 0.36 -21.14 18.35
CA VAL B 234 0.94 -22.44 18.07
C VAL B 234 2.41 -22.26 17.79
N GLU B 235 3.21 -23.29 18.02
CA GLU B 235 4.65 -23.21 17.75
C GLU B 235 4.95 -22.94 16.28
N ILE B 236 5.86 -22.01 16.03
CA ILE B 236 6.28 -21.70 14.68
C ILE B 236 7.75 -22.09 14.62
N LYS B 237 8.07 -23.06 13.78
CA LYS B 237 9.44 -23.52 13.65
C LYS B 237 10.19 -22.78 12.55
N THR B 238 11.52 -22.84 12.64
CA THR B 238 12.40 -22.20 11.67
C THR B 238 13.81 -22.70 11.93
N SER B 239 14.63 -22.69 10.89
CA SER B 239 16.02 -23.14 11.00
C SER B 239 16.90 -22.19 10.19
N PRO B 240 18.22 -22.29 10.34
CA PRO B 240 19.17 -21.44 9.61
C PRO B 240 18.90 -21.43 8.10
N LEU B 241 18.58 -22.61 7.58
CA LEU B 241 18.30 -22.81 6.16
C LEU B 241 17.01 -22.16 5.70
N ALA B 242 16.33 -21.52 6.63
CA ALA B 242 15.06 -20.86 6.33
C ALA B 242 15.00 -20.16 4.98
N GLN B 243 15.94 -19.26 4.72
CA GLN B 243 15.96 -18.48 3.48
C GLN B 243 16.39 -19.28 2.25
N TYR B 244 16.94 -20.47 2.50
CA TYR B 244 17.40 -21.34 1.41
C TYR B 244 16.39 -22.44 1.11
N ASN B 245 15.20 -22.32 1.68
CA ASN B 245 14.18 -23.32 1.48
C ASN B 245 13.75 -23.44 0.03
N GLY B 246 13.47 -22.31 -0.61
CA GLY B 246 13.05 -22.37 -2.01
C GLY B 246 14.06 -23.06 -2.88
N ALA B 247 15.34 -22.84 -2.59
CA ALA B 247 16.41 -23.45 -3.37
C ALA B 247 16.46 -24.92 -3.02
N LEU B 248 16.43 -25.21 -1.72
CA LEU B 248 16.48 -26.59 -1.23
C LEU B 248 15.38 -27.42 -1.89
N GLY B 249 14.22 -26.79 -2.06
CA GLY B 249 13.12 -27.50 -2.69
C GLY B 249 13.46 -27.81 -4.13
N ALA B 250 14.11 -26.86 -4.80
CA ALA B 250 14.48 -27.05 -6.20
C ALA B 250 15.48 -28.18 -6.32
N ALA B 251 16.48 -28.19 -5.44
CA ALA B 251 17.48 -29.24 -5.46
C ALA B 251 16.85 -30.61 -5.24
N LEU B 252 15.82 -30.69 -4.41
CA LEU B 252 15.15 -31.96 -4.16
C LEU B 252 14.34 -32.40 -5.37
N TYR B 253 13.70 -31.45 -6.05
CA TYR B 253 12.95 -31.79 -7.26
C TYR B 253 13.90 -32.17 -8.38
N ALA B 254 15.12 -31.64 -8.32
CA ALA B 254 16.14 -31.93 -9.32
C ALA B 254 16.61 -33.37 -9.17
N TYR B 255 17.03 -33.72 -7.95
CA TYR B 255 17.49 -35.08 -7.67
C TYR B 255 16.38 -36.07 -7.95
N LYS B 256 15.13 -35.61 -7.92
CA LYS B 256 14.00 -36.48 -8.20
C LYS B 256 13.87 -36.66 -9.71
N LYS B 257 14.06 -35.55 -10.44
CA LYS B 257 13.98 -35.58 -11.89
C LYS B 257 15.16 -36.36 -12.45
N ALA B 258 16.22 -36.43 -11.66
CA ALA B 258 17.43 -37.13 -12.08
C ALA B 258 17.41 -38.57 -11.60
N ALA B 259 16.20 -39.12 -11.47
CA ALA B 259 16.04 -40.49 -11.06
C ALA B 259 14.89 -41.09 -11.84
N LYS B 260 14.22 -40.23 -12.62
CA LYS B 260 13.10 -40.64 -13.46
C LYS B 260 13.17 -39.88 -14.79
#